data_3NYY
#
_entry.id   3NYY
#
_cell.length_a   91.336
_cell.length_b   61.572
_cell.length_c   52.804
_cell.angle_alpha   90.000
_cell.angle_beta   108.500
_cell.angle_gamma   90.000
#
_symmetry.space_group_name_H-M   'C 1 2 1'
#
loop_
_entity.id
_entity.type
_entity.pdbx_description
1 polymer 'Putative glycyl-glycine endopeptidase lytM'
2 non-polymer 'NONAETHYLENE GLYCOL'
3 non-polymer 'SULFATE ION'
4 water water
#
_entity_poly.entity_id   1
_entity_poly.type   'polypeptide(L)'
_entity_poly.pdbx_seq_one_letter_code
;GVSGFQRLQKPVVSQPDFRRQPVSET(MSE)QVYLKQAADPGRDVGLYW(MSE)ATDFENRRFPGKVSPSGFQKLYRQWR
NQTGWDAYVQSCRAIWNDVKYFPIPQSLDDTEDKISYVDSW(MSE)FERNYGGKRGHEGTDI(MSE)AEKNTPGYYPVVS
(MSE)TDGVVTEKGWLEKGGWRIGITAPTGAYFYYAHLDSYAELEKGDPVKAGDLLGY(MSE)GDSGYGEEGTTGEFPVH
LHLGIYLKEGTEEISVNPYPVLRYAENARIKCVYSR
;
_entity_poly.pdbx_strand_id   A
#
loop_
_chem_comp.id
_chem_comp.type
_chem_comp.name
_chem_comp.formula
2PE non-polymer 'NONAETHYLENE GLYCOL' 'C18 H38 O10'
SO4 non-polymer 'SULFATE ION' 'O4 S -2'
#
# COMPACT_ATOMS: atom_id res chain seq x y z
N GLY A 1 -18.42 7.17 21.53
CA GLY A 1 -17.87 6.85 20.19
C GLY A 1 -17.70 8.11 19.37
N VAL A 2 -17.21 7.96 18.14
CA VAL A 2 -17.10 9.06 17.21
C VAL A 2 -17.72 8.56 15.93
N SER A 3 -18.80 9.21 15.49
CA SER A 3 -19.53 8.74 14.34
C SER A 3 -18.83 9.03 13.01
N GLY A 4 -19.22 8.30 11.98
CA GLY A 4 -18.74 8.55 10.65
C GLY A 4 -18.91 10.01 10.23
N PHE A 5 -20.09 10.58 10.52
CA PHE A 5 -20.31 11.99 10.25
C PHE A 5 -19.25 12.87 10.94
N GLN A 6 -19.00 12.61 12.22
CA GLN A 6 -18.03 13.43 12.96
C GLN A 6 -16.62 13.29 12.36
N ARG A 7 -16.28 12.10 11.91
CA ARG A 7 -14.95 11.81 11.41
C ARG A 7 -14.77 12.55 10.10
N LEU A 8 -15.85 12.68 9.35
CA LEU A 8 -15.80 13.24 8.02
C LEU A 8 -15.66 14.78 8.09
N GLN A 9 -15.87 15.38 9.26
CA GLN A 9 -15.76 16.85 9.44
C GLN A 9 -14.34 17.33 9.58
N LYS A 10 -13.39 16.39 9.79
CA LYS A 10 -11.96 16.74 9.90
C LYS A 10 -11.20 15.95 8.80
N PRO A 11 -10.00 16.44 8.40
CA PRO A 11 -9.23 15.69 7.41
C PRO A 11 -9.03 14.25 7.88
N VAL A 12 -9.25 13.31 6.97
CA VAL A 12 -9.32 11.90 7.39
C VAL A 12 -7.96 11.20 7.38
N VAL A 13 -7.03 11.65 6.54
CA VAL A 13 -5.75 10.92 6.36
C VAL A 13 -4.96 10.75 7.66
N SER A 14 -4.91 11.78 8.51
CA SER A 14 -4.18 11.67 9.78
C SER A 14 -4.94 11.03 10.93
N GLN A 15 -6.19 10.62 10.72
CA GLN A 15 -6.93 9.95 11.78
C GLN A 15 -6.37 8.53 11.95
N PRO A 16 -6.04 8.18 13.20
CA PRO A 16 -5.42 6.87 13.41
C PRO A 16 -6.21 5.67 12.85
N ASP A 17 -7.54 5.66 12.97
CA ASP A 17 -8.30 4.53 12.46
C ASP A 17 -8.27 4.45 10.91
N PHE A 18 -8.23 5.59 10.22
CA PHE A 18 -8.03 5.56 8.79
C PHE A 18 -6.64 5.00 8.45
N ARG A 19 -5.63 5.48 9.14
CA ARG A 19 -4.27 5.03 8.83
C ARG A 19 -4.11 3.54 9.00
N ARG A 20 -4.81 2.99 10.00
CA ARG A 20 -4.74 1.55 10.27
C ARG A 20 -5.41 0.66 9.22
N GLN A 21 -6.40 1.20 8.49
CA GLN A 21 -7.10 0.52 7.39
C GLN A 21 -7.78 -0.76 7.86
N PRO A 22 -8.71 -0.65 8.82
CA PRO A 22 -9.28 -1.89 9.41
C PRO A 22 -10.24 -2.56 8.41
N VAL A 23 -9.89 -3.75 7.93
CA VAL A 23 -10.71 -4.46 6.94
C VAL A 23 -10.89 -5.90 7.39
N SER A 24 -12.11 -6.24 7.78
CA SER A 24 -12.51 -7.59 8.14
C SER A 24 -12.36 -8.60 7.02
N GLU A 25 -12.34 -9.88 7.36
CA GLU A 25 -12.22 -10.89 6.29
C GLU A 25 -13.44 -10.88 5.34
N THR A 26 -14.63 -10.61 5.88
CA THR A 26 -15.86 -10.47 5.06
C THR A 26 -15.67 -9.40 4.00
N MSE A 27 -15.15 -8.25 4.44
CA MSE A 27 -14.86 -7.17 3.50
CA MSE A 27 -14.86 -7.16 3.53
C MSE A 27 -13.71 -7.50 2.57
O MSE A 27 -13.74 -7.09 1.41
CB MSE A 27 -14.61 -5.85 4.22
CB MSE A 27 -14.60 -5.89 4.35
CG MSE A 27 -15.86 -5.19 4.55
CG MSE A 27 -14.68 -4.61 3.58
SE MSE A 27 -16.96 -4.68 3.01
SE MSE A 27 -16.35 -4.38 2.65
CE MSE A 27 -15.86 -3.28 2.12
CE MSE A 27 -17.52 -5.33 3.82
N GLN A 28 -12.69 -8.23 3.02
CA GLN A 28 -11.62 -8.62 2.08
C GLN A 28 -12.16 -9.48 0.93
N VAL A 29 -13.05 -10.40 1.24
CA VAL A 29 -13.65 -11.22 0.21
C VAL A 29 -14.46 -10.33 -0.72
N TYR A 30 -15.21 -9.38 -0.15
CA TYR A 30 -16.05 -8.53 -0.98
C TYR A 30 -15.22 -7.67 -1.90
N LEU A 31 -14.13 -7.10 -1.37
CA LEU A 31 -13.32 -6.13 -2.12
C LEU A 31 -12.69 -6.70 -3.38
N LYS A 32 -12.38 -7.98 -3.36
CA LYS A 32 -11.78 -8.62 -4.54
C LYS A 32 -12.69 -8.59 -5.77
N GLN A 33 -14.00 -8.46 -5.55
CA GLN A 33 -14.98 -8.44 -6.66
CA GLN A 33 -15.02 -8.45 -6.61
C GLN A 33 -15.58 -7.05 -6.89
N ALA A 34 -15.09 -6.03 -6.16
CA ALA A 34 -15.71 -4.72 -6.24
C ALA A 34 -15.13 -3.94 -7.37
N ALA A 35 -15.98 -3.25 -8.14
CA ALA A 35 -15.53 -2.41 -9.23
C ALA A 35 -14.76 -1.19 -8.73
N ASP A 36 -15.14 -0.68 -7.58
CA ASP A 36 -14.60 0.59 -7.04
C ASP A 36 -14.26 0.30 -5.58
N PRO A 37 -13.13 -0.37 -5.35
CA PRO A 37 -12.84 -0.80 -3.97
C PRO A 37 -12.60 0.34 -3.01
N GLY A 38 -11.99 1.43 -3.47
CA GLY A 38 -11.77 2.60 -2.62
C GLY A 38 -13.10 3.19 -2.14
N ARG A 39 -14.05 3.33 -3.05
CA ARG A 39 -15.37 3.82 -2.67
C ARG A 39 -16.01 2.92 -1.63
N ASP A 40 -16.03 1.60 -1.90
CA ASP A 40 -16.76 0.66 -1.06
C ASP A 40 -16.13 0.50 0.32
N VAL A 41 -14.80 0.49 0.40
CA VAL A 41 -14.15 0.43 1.72
C VAL A 41 -14.40 1.75 2.50
N GLY A 42 -14.41 2.86 1.78
CA GLY A 42 -14.73 4.15 2.38
C GLY A 42 -16.13 4.18 2.95
N LEU A 43 -17.07 3.62 2.19
CA LEU A 43 -18.47 3.52 2.67
C LEU A 43 -18.62 2.59 3.86
N TYR A 44 -17.91 1.49 3.82
CA TYR A 44 -17.86 0.54 4.91
C TYR A 44 -17.37 1.19 6.18
N TRP A 45 -16.30 1.99 6.08
CA TRP A 45 -15.79 2.70 7.27
C TRP A 45 -16.77 3.72 7.81
N MSE A 46 -17.43 4.46 6.91
CA MSE A 46 -18.41 5.42 7.37
C MSE A 46 -19.59 4.76 8.06
O MSE A 46 -20.01 5.21 9.13
CB MSE A 46 -18.91 6.29 6.18
CG MSE A 46 -17.93 7.37 5.75
SE MSE A 46 -17.57 8.69 7.08
CE MSE A 46 -15.83 8.39 7.52
N ALA A 47 -20.09 3.68 7.49
CA ALA A 47 -21.28 3.02 8.00
C ALA A 47 -20.99 2.30 9.32
N THR A 48 -19.73 1.85 9.54
CA THR A 48 -19.32 1.12 10.75
C THR A 48 -18.53 1.97 11.75
N ASP A 49 -18.39 3.28 11.49
CA ASP A 49 -17.52 4.16 12.28
C ASP A 49 -16.12 3.48 12.42
N PHE A 50 -15.55 3.06 11.30
CA PHE A 50 -14.23 2.39 11.27
C PHE A 50 -14.18 1.12 12.12
N GLU A 51 -15.17 0.28 11.88
CA GLU A 51 -15.36 -1.00 12.56
C GLU A 51 -15.59 -0.88 14.06
N ASN A 52 -16.18 0.22 14.49
CA ASN A 52 -16.64 0.38 15.86
C ASN A 52 -18.10 0.02 16.11
N ARG A 53 -18.88 -0.07 15.04
CA ARG A 53 -20.27 -0.46 15.05
C ARG A 53 -20.52 -1.44 13.95
N ARG A 54 -21.59 -2.20 14.11
CA ARG A 54 -21.96 -3.22 13.13
C ARG A 54 -22.37 -2.56 11.81
N PHE A 55 -22.12 -3.26 10.72
CA PHE A 55 -22.51 -2.79 9.41
C PHE A 55 -24.03 -2.97 9.29
N PRO A 56 -24.79 -1.88 9.05
CA PRO A 56 -26.24 -2.04 9.14
C PRO A 56 -26.89 -2.80 7.99
N GLY A 57 -26.40 -2.64 6.76
CA GLY A 57 -27.01 -3.25 5.58
C GLY A 57 -26.40 -4.57 5.12
N LYS A 58 -26.54 -4.85 3.82
CA LYS A 58 -26.00 -6.04 3.23
C LYS A 58 -24.65 -5.71 2.63
N VAL A 59 -23.64 -6.55 2.89
CA VAL A 59 -22.31 -6.37 2.30
C VAL A 59 -22.42 -6.93 0.88
N SER A 60 -22.84 -6.06 -0.03
CA SER A 60 -23.18 -6.46 -1.39
C SER A 60 -23.18 -5.22 -2.26
N PRO A 61 -23.12 -5.41 -3.59
CA PRO A 61 -23.17 -4.28 -4.51
C PRO A 61 -24.34 -3.33 -4.28
N SER A 62 -25.53 -3.86 -4.08
CA SER A 62 -26.71 -3.02 -3.89
C SER A 62 -26.67 -2.29 -2.53
N GLY A 63 -26.12 -2.95 -1.51
CA GLY A 63 -25.94 -2.31 -0.19
C GLY A 63 -25.01 -1.09 -0.29
N PHE A 64 -23.92 -1.24 -1.04
CA PHE A 64 -22.95 -0.16 -1.20
C PHE A 64 -23.45 0.94 -2.09
N GLN A 65 -24.23 0.60 -3.13
CA GLN A 65 -24.79 1.65 -3.95
C GLN A 65 -25.76 2.54 -3.17
N LYS A 66 -26.55 1.92 -2.30
CA LYS A 66 -27.44 2.63 -1.39
C LYS A 66 -26.67 3.59 -0.47
N LEU A 67 -25.60 3.08 0.15
CA LEU A 67 -24.73 3.92 0.99
C LEU A 67 -24.11 5.02 0.20
N TYR A 68 -23.63 4.72 -1.00
CA TYR A 68 -23.07 5.77 -1.84
C TYR A 68 -24.05 6.94 -2.10
N ARG A 69 -25.28 6.62 -2.43
CA ARG A 69 -26.26 7.68 -2.75
C ARG A 69 -26.57 8.58 -1.54
N GLN A 70 -26.40 8.04 -0.34
CA GLN A 70 -26.51 8.83 0.88
C GLN A 70 -25.23 9.66 1.15
N TRP A 71 -24.10 8.96 1.30
CA TRP A 71 -22.87 9.59 1.77
C TRP A 71 -22.28 10.63 0.82
N ARG A 72 -22.56 10.50 -0.48
CA ARG A 72 -22.01 11.42 -1.47
CA ARG A 72 -22.00 11.42 -1.47
C ARG A 72 -22.51 12.86 -1.27
N ASN A 73 -23.62 12.99 -0.54
CA ASN A 73 -24.15 14.31 -0.20
C ASN A 73 -23.35 15.07 0.85
N GLN A 74 -22.52 14.38 1.60
CA GLN A 74 -21.84 14.96 2.74
C GLN A 74 -20.74 15.88 2.27
N THR A 75 -20.66 17.06 2.89
N THR A 75 -20.56 17.02 2.95
CA THR A 75 -19.47 17.86 2.77
CA THR A 75 -19.51 17.98 2.57
C THR A 75 -18.37 17.02 3.38
C THR A 75 -18.06 17.43 2.47
N GLY A 76 -17.23 16.98 2.70
N GLY A 76 -17.67 16.55 3.39
CA GLY A 76 -16.14 16.12 3.11
CA GLY A 76 -16.30 16.00 3.35
C GLY A 76 -16.04 14.84 2.30
C GLY A 76 -16.10 14.80 2.42
N TRP A 77 -17.16 14.37 1.74
CA TRP A 77 -17.12 13.14 0.93
C TRP A 77 -16.03 13.17 -0.16
N ASP A 78 -16.01 14.24 -0.94
CA ASP A 78 -15.10 14.28 -2.09
C ASP A 78 -13.65 14.03 -1.69
N ALA A 79 -13.18 14.74 -0.65
CA ALA A 79 -11.78 14.55 -0.22
C ALA A 79 -11.53 13.16 0.35
N TYR A 80 -12.49 12.68 1.13
CA TYR A 80 -12.40 11.39 1.77
C TYR A 80 -12.35 10.24 0.80
N VAL A 81 -13.28 10.22 -0.15
CA VAL A 81 -13.30 9.11 -1.12
C VAL A 81 -12.05 9.16 -2.04
N GLN A 82 -11.54 10.37 -2.29
CA GLN A 82 -10.32 10.49 -3.10
C GLN A 82 -9.17 9.82 -2.35
N SER A 83 -9.09 10.01 -1.01
CA SER A 83 -8.05 9.38 -0.21
C SER A 83 -8.17 7.84 -0.24
N CYS A 84 -9.40 7.33 -0.09
CA CYS A 84 -9.64 5.89 -0.16
C CYS A 84 -9.27 5.35 -1.54
N ARG A 85 -9.70 6.01 -2.61
CA ARG A 85 -9.36 5.54 -3.95
C ARG A 85 -7.85 5.66 -4.26
N ALA A 86 -7.18 6.65 -3.67
CA ALA A 86 -5.73 6.81 -3.89
C ALA A 86 -4.99 5.56 -3.36
N ILE A 87 -5.43 4.98 -2.25
CA ILE A 87 -4.82 3.77 -1.69
C ILE A 87 -5.19 2.52 -2.50
N TRP A 88 -6.47 2.40 -2.85
CA TRP A 88 -7.06 1.13 -3.31
C TRP A 88 -7.18 1.02 -4.82
N ASN A 89 -7.51 2.10 -5.52
CA ASN A 89 -7.99 1.96 -6.90
C ASN A 89 -6.94 1.83 -8.00
N ASP A 90 -5.70 2.23 -7.70
CA ASP A 90 -4.62 2.18 -8.67
C ASP A 90 -3.82 0.87 -8.63
N VAL A 91 -4.04 0.02 -7.62
CA VAL A 91 -3.27 -1.20 -7.46
C VAL A 91 -3.79 -2.26 -8.41
N LYS A 92 -2.94 -2.60 -9.36
CA LYS A 92 -3.20 -3.67 -10.34
C LYS A 92 -2.47 -4.98 -9.97
N TYR A 93 -1.30 -4.87 -9.34
CA TYR A 93 -0.48 -6.03 -9.01
C TYR A 93 0.12 -5.95 -7.59
N PHE A 94 0.27 -7.13 -6.99
CA PHE A 94 1.14 -7.32 -5.84
C PHE A 94 2.57 -6.95 -6.29
N PRO A 95 3.44 -6.45 -5.39
CA PRO A 95 4.76 -5.99 -5.81
C PRO A 95 5.81 -7.07 -6.13
N ILE A 96 5.53 -8.33 -5.77
CA ILE A 96 6.47 -9.42 -6.03
C ILE A 96 5.85 -10.36 -7.06
N PRO A 97 6.54 -10.56 -8.20
CA PRO A 97 6.02 -11.48 -9.20
C PRO A 97 6.00 -12.91 -8.74
N GLN A 98 5.20 -13.73 -9.42
CA GLN A 98 5.27 -15.19 -9.23
C GLN A 98 6.24 -15.73 -10.29
N SER A 99 6.92 -16.82 -9.96
CA SER A 99 7.89 -17.43 -10.85
CA SER A 99 7.90 -17.42 -10.86
C SER A 99 7.25 -18.30 -11.95
N LEU A 100 7.62 -18.04 -13.21
CA LEU A 100 7.19 -18.88 -14.36
C LEU A 100 8.03 -20.14 -14.40
N ASP A 101 9.31 -20.00 -14.07
CA ASP A 101 10.24 -21.14 -13.98
C ASP A 101 9.97 -21.92 -12.67
N ASP A 102 10.47 -23.15 -12.56
CA ASP A 102 10.30 -23.94 -11.32
C ASP A 102 11.31 -23.45 -10.26
N THR A 103 11.09 -22.24 -9.75
CA THR A 103 12.00 -21.61 -8.81
C THR A 103 11.21 -21.06 -7.61
N GLU A 104 11.87 -20.96 -6.46
CA GLU A 104 11.26 -20.41 -5.26
C GLU A 104 10.73 -18.99 -5.48
N ASP A 105 9.45 -18.75 -5.18
CA ASP A 105 8.92 -17.38 -5.22
C ASP A 105 8.13 -17.02 -3.96
N LYS A 106 8.35 -17.74 -2.87
CA LYS A 106 7.54 -17.56 -1.66
C LYS A 106 8.01 -16.32 -0.88
N ILE A 107 7.02 -15.61 -0.37
CA ILE A 107 7.25 -14.48 0.53
CA ILE A 107 7.23 -14.47 0.51
C ILE A 107 6.27 -14.59 1.69
N SER A 108 6.53 -13.84 2.74
CA SER A 108 5.70 -13.85 3.93
CA SER A 108 5.67 -13.84 3.91
C SER A 108 5.61 -12.43 4.44
N TYR A 109 4.46 -12.05 5.00
CA TYR A 109 4.26 -10.72 5.53
C TYR A 109 3.08 -10.72 6.48
N VAL A 110 3.13 -9.79 7.43
CA VAL A 110 2.10 -9.62 8.44
C VAL A 110 1.70 -8.15 8.54
N ASP A 111 0.58 -7.90 9.16
CA ASP A 111 0.13 -6.54 9.50
C ASP A 111 0.88 -6.08 10.73
N SER A 112 1.89 -5.26 10.53
CA SER A 112 2.72 -4.78 11.64
C SER A 112 2.36 -3.38 12.11
N TRP A 113 1.27 -2.81 11.58
CA TRP A 113 0.93 -1.43 11.78
C TRP A 113 0.83 -1.04 13.26
N MSE A 114 0.11 -1.84 14.03
CA MSE A 114 -0.09 -1.49 15.44
CA MSE A 114 -0.11 -1.52 15.45
C MSE A 114 1.14 -1.71 16.29
O MSE A 114 1.31 -1.02 17.30
CB MSE A 114 -1.30 -2.22 15.99
CB MSE A 114 -1.23 -2.38 16.02
CG MSE A 114 -2.53 -1.85 15.26
CG MSE A 114 -2.55 -1.99 15.46
SE MSE A 114 -4.09 -1.99 16.35
SE MSE A 114 -2.84 -0.12 15.82
CE MSE A 114 -4.72 -3.69 15.98
CE MSE A 114 -3.45 -0.33 17.68
N PHE A 115 2.01 -2.61 15.86
CA PHE A 115 3.27 -2.87 16.52
C PHE A 115 4.19 -1.64 16.24
N GLU A 116 4.23 -1.18 14.99
CA GLU A 116 5.09 -0.04 14.57
C GLU A 116 4.67 1.32 15.11
N ARG A 117 3.36 1.58 15.19
CA ARG A 117 2.84 2.87 15.67
C ARG A 117 3.09 3.09 17.17
N ASN A 118 2.88 2.05 17.98
CA ASN A 118 3.01 2.13 19.45
C ASN A 118 4.42 1.83 19.91
N TYR A 119 5.05 2.81 20.56
CA TYR A 119 6.52 2.92 20.75
C TYR A 119 7.37 2.11 19.75
N GLY A 120 7.33 2.56 18.50
CA GLY A 120 8.26 2.13 17.47
C GLY A 120 9.15 3.32 17.14
N GLY A 121 10.43 3.05 16.88
CA GLY A 121 11.36 4.10 16.40
C GLY A 121 11.34 4.19 14.87
N LYS A 122 10.25 3.74 14.25
CA LYS A 122 10.08 3.75 12.79
C LYS A 122 9.25 4.95 12.36
N ARG A 123 9.31 6.06 13.11
CA ARG A 123 8.37 7.17 12.89
C ARG A 123 8.56 7.77 11.50
N GLY A 124 7.50 7.68 10.70
CA GLY A 124 7.49 8.13 9.32
C GLY A 124 7.87 7.06 8.31
N HIS A 125 8.25 5.87 8.82
CA HIS A 125 8.76 4.75 8.02
C HIS A 125 7.89 3.50 8.17
N GLU A 126 6.66 3.71 8.62
CA GLU A 126 5.76 2.59 8.92
C GLU A 126 5.23 2.05 7.59
N GLY A 127 5.05 0.74 7.50
CA GLY A 127 4.54 0.12 6.26
C GLY A 127 4.35 -1.36 6.45
N THR A 128 4.66 -2.12 5.42
CA THR A 128 4.57 -3.59 5.43
C THR A 128 5.90 -4.12 4.91
N ASP A 129 6.47 -5.05 5.66
CA ASP A 129 7.72 -5.74 5.30
C ASP A 129 7.44 -7.09 4.68
N ILE A 130 7.76 -7.21 3.40
CA ILE A 130 7.51 -8.42 2.66
C ILE A 130 8.83 -9.23 2.63
N MSE A 131 8.83 -10.34 3.37
CA MSE A 131 10.02 -11.10 3.66
C MSE A 131 10.31 -12.15 2.64
O MSE A 131 9.42 -12.90 2.23
CB MSE A 131 9.98 -11.73 5.05
CG MSE A 131 9.53 -10.79 6.19
SE MSE A 131 10.71 -9.34 6.57
CE MSE A 131 10.01 -8.73 8.30
N ALA A 132 11.57 -12.19 2.18
CA ALA A 132 12.02 -13.27 1.28
C ALA A 132 12.10 -14.65 2.02
N GLU A 133 11.52 -15.68 1.39
CA GLU A 133 11.71 -17.09 1.77
C GLU A 133 13.18 -17.50 1.51
N LYS A 134 13.64 -17.26 0.28
CA LYS A 134 15.06 -17.43 -0.09
C LYS A 134 15.79 -16.12 0.30
N ASN A 135 16.55 -16.13 1.40
CA ASN A 135 17.11 -14.90 1.99
C ASN A 135 18.39 -14.52 1.27
N THR A 136 18.23 -14.13 0.01
CA THR A 136 19.36 -13.73 -0.82
CA THR A 136 19.35 -13.76 -0.85
C THR A 136 18.96 -12.51 -1.62
N PRO A 137 19.85 -11.50 -1.65
CA PRO A 137 19.55 -10.31 -2.41
C PRO A 137 19.70 -10.44 -3.91
N GLY A 138 19.02 -9.60 -4.67
CA GLY A 138 19.16 -9.61 -6.12
C GLY A 138 18.48 -10.76 -6.84
N TYR A 139 17.52 -11.38 -6.18
CA TYR A 139 16.83 -12.58 -6.68
C TYR A 139 15.33 -12.36 -6.96
N TYR A 140 14.59 -11.87 -5.97
CA TYR A 140 13.19 -11.54 -6.16
C TYR A 140 13.05 -10.21 -6.89
N PRO A 141 12.41 -10.20 -8.07
CA PRO A 141 12.09 -8.90 -8.66
C PRO A 141 11.04 -8.15 -7.85
N VAL A 142 11.06 -6.83 -7.97
CA VAL A 142 10.07 -5.92 -7.39
C VAL A 142 9.49 -5.14 -8.55
N VAL A 143 8.17 -5.22 -8.71
CA VAL A 143 7.45 -4.55 -9.75
C VAL A 143 6.50 -3.52 -9.17
N SER A 144 6.17 -2.54 -9.98
CA SER A 144 5.31 -1.43 -9.55
C SER A 144 3.89 -1.94 -9.40
N MSE A 145 3.29 -1.65 -8.27
CA MSE A 145 1.90 -2.06 -8.04
C MSE A 145 0.93 -1.29 -8.90
O MSE A 145 -0.17 -1.76 -9.15
CB MSE A 145 1.58 -1.87 -6.55
CG MSE A 145 2.37 -2.83 -5.63
SE MSE A 145 2.11 -2.40 -3.75
CE MSE A 145 0.37 -3.10 -3.53
N THR A 146 1.33 -0.09 -9.29
CA THR A 146 0.47 0.91 -9.96
C THR A 146 1.15 1.50 -11.19
N ASP A 147 0.36 2.13 -12.04
CA ASP A 147 0.92 3.04 -13.00
C ASP A 147 1.45 4.22 -12.20
N GLY A 148 2.26 5.04 -12.83
CA GLY A 148 2.66 6.30 -12.21
C GLY A 148 3.89 6.89 -12.78
N VAL A 149 4.55 7.74 -11.99
CA VAL A 149 5.77 8.45 -12.40
C VAL A 149 6.78 8.23 -11.30
N VAL A 150 8.03 8.01 -11.68
CA VAL A 150 9.13 7.90 -10.71
C VAL A 150 9.37 9.29 -10.12
N THR A 151 9.08 9.44 -8.84
CA THR A 151 9.16 10.69 -8.08
CA THR A 151 9.22 10.74 -8.20
C THR A 151 10.44 10.85 -7.30
N GLU A 152 10.93 9.74 -6.73
CA GLU A 152 12.22 9.75 -6.04
CA GLU A 152 12.21 9.74 -6.02
C GLU A 152 12.97 8.49 -6.38
N LYS A 153 14.30 8.59 -6.41
CA LYS A 153 15.15 7.44 -6.67
C LYS A 153 16.51 7.71 -6.08
N GLY A 154 16.91 6.88 -5.12
CA GLY A 154 18.25 7.00 -4.55
C GLY A 154 18.32 6.47 -3.14
N TRP A 155 19.47 6.68 -2.52
CA TRP A 155 19.72 6.17 -1.21
C TRP A 155 19.06 7.02 -0.12
N LEU A 156 18.53 6.34 0.87
CA LEU A 156 18.23 6.93 2.19
C LEU A 156 18.86 6.07 3.27
N GLU A 157 19.41 6.66 4.34
CA GLU A 157 20.02 5.87 5.42
CA GLU A 157 20.03 5.86 5.40
C GLU A 157 19.07 4.78 5.94
N LYS A 158 17.80 5.13 6.18
CA LYS A 158 16.81 4.19 6.76
C LYS A 158 15.98 3.39 5.74
N GLY A 159 16.18 3.67 4.46
CA GLY A 159 15.51 2.91 3.42
C GLY A 159 16.46 2.22 2.43
N GLY A 160 17.77 2.37 2.64
CA GLY A 160 18.71 1.88 1.59
C GLY A 160 18.41 2.44 0.23
N TRP A 161 18.54 1.59 -0.79
CA TRP A 161 18.18 1.97 -2.16
C TRP A 161 16.65 1.89 -2.24
N ARG A 162 16.02 3.05 -2.38
CA ARG A 162 14.60 3.15 -2.48
C ARG A 162 14.19 3.85 -3.74
N ILE A 163 12.96 3.59 -4.12
CA ILE A 163 12.35 4.24 -5.26
C ILE A 163 10.92 4.57 -4.86
N GLY A 164 10.43 5.73 -5.32
CA GLY A 164 9.08 6.18 -5.02
C GLY A 164 8.32 6.49 -6.31
N ILE A 165 7.11 5.95 -6.41
CA ILE A 165 6.23 6.12 -7.56
C ILE A 165 4.98 6.87 -7.09
N THR A 166 4.66 7.95 -7.76
CA THR A 166 3.42 8.65 -7.54
C THR A 166 2.40 8.13 -8.54
N ALA A 167 1.32 7.59 -8.00
CA ALA A 167 0.31 6.88 -8.77
C ALA A 167 -0.74 7.92 -9.23
N PRO A 168 -1.52 7.60 -10.27
CA PRO A 168 -2.37 8.64 -10.87
C PRO A 168 -3.43 9.26 -9.96
N THR A 169 -3.96 8.49 -9.01
CA THR A 169 -4.95 8.98 -8.06
C THR A 169 -4.34 9.77 -6.90
N GLY A 170 -3.00 9.74 -6.80
CA GLY A 170 -2.26 10.66 -5.94
C GLY A 170 -1.42 10.07 -4.80
N ALA A 171 -1.52 8.78 -4.60
CA ALA A 171 -0.71 8.19 -3.56
C ALA A 171 0.74 7.99 -4.01
N TYR A 172 1.63 7.99 -3.02
CA TYR A 172 3.06 7.76 -3.24
C TYR A 172 3.35 6.34 -2.71
N PHE A 173 3.80 5.47 -3.61
CA PHE A 173 4.18 4.10 -3.26
C PHE A 173 5.69 4.04 -3.10
N TYR A 174 6.14 3.57 -1.94
CA TYR A 174 7.52 3.61 -1.53
C TYR A 174 8.07 2.22 -1.43
N TYR A 175 9.18 1.96 -2.15
CA TYR A 175 9.78 0.62 -2.24
C TYR A 175 11.21 0.75 -1.77
N ALA A 176 11.56 0.07 -0.69
CA ALA A 176 12.85 0.25 -0.01
C ALA A 176 13.64 -1.05 0.23
N HIS A 177 14.95 -0.83 0.47
CA HIS A 177 15.97 -1.85 0.74
C HIS A 177 16.36 -2.68 -0.47
N LEU A 178 16.10 -2.14 -1.68
CA LEU A 178 16.41 -2.81 -2.93
C LEU A 178 17.93 -3.09 -3.05
N ASP A 179 18.28 -4.16 -3.75
CA ASP A 179 19.67 -4.49 -4.02
C ASP A 179 20.13 -3.71 -5.23
N SER A 180 19.21 -3.45 -6.14
CA SER A 180 19.52 -2.73 -7.35
C SER A 180 18.24 -2.19 -7.96
N TYR A 181 18.40 -1.28 -8.92
CA TYR A 181 17.29 -0.67 -9.66
C TYR A 181 17.16 -1.17 -11.10
N ALA A 182 15.93 -1.08 -11.60
CA ALA A 182 15.66 -1.17 -13.03
C ALA A 182 16.19 0.10 -13.69
N GLU A 183 16.23 0.14 -15.03
CA GLU A 183 16.72 1.33 -15.76
CA GLU A 183 16.74 1.31 -15.76
C GLU A 183 15.66 2.40 -15.79
N LEU A 184 15.62 3.18 -14.71
CA LEU A 184 14.59 4.19 -14.50
C LEU A 184 15.22 5.43 -13.88
N GLU A 185 14.70 6.58 -14.26
CA GLU A 185 15.13 7.84 -13.70
C GLU A 185 13.92 8.61 -13.26
N LYS A 186 14.13 9.52 -12.31
CA LYS A 186 13.09 10.44 -11.90
C LYS A 186 12.44 11.07 -13.08
N GLY A 187 11.11 11.11 -13.05
CA GLY A 187 10.32 11.68 -14.15
C GLY A 187 9.81 10.66 -15.16
N ASP A 188 10.38 9.46 -15.18
CA ASP A 188 9.97 8.42 -16.12
C ASP A 188 8.60 7.87 -15.73
N PRO A 189 7.75 7.65 -16.72
CA PRO A 189 6.48 7.00 -16.51
C PRO A 189 6.69 5.50 -16.32
N VAL A 190 5.87 4.87 -15.48
CA VAL A 190 5.85 3.42 -15.31
C VAL A 190 4.40 2.92 -15.46
N LYS A 191 4.27 1.69 -15.91
CA LYS A 191 3.02 0.96 -15.91
C LYS A 191 3.08 -0.07 -14.80
N ALA A 192 1.91 -0.34 -14.21
CA ALA A 192 1.80 -1.41 -13.20
C ALA A 192 2.35 -2.71 -13.78
N GLY A 193 3.17 -3.38 -12.99
CA GLY A 193 3.85 -4.61 -13.40
C GLY A 193 5.26 -4.41 -13.93
N ASP A 194 5.64 -3.17 -14.23
CA ASP A 194 7.01 -2.87 -14.68
C ASP A 194 8.02 -3.11 -13.57
N LEU A 195 9.18 -3.62 -13.96
CA LEU A 195 10.27 -3.80 -13.02
C LEU A 195 10.73 -2.48 -12.42
N LEU A 196 10.84 -2.44 -11.10
CA LEU A 196 11.46 -1.33 -10.39
C LEU A 196 12.87 -1.65 -9.90
N GLY A 197 13.18 -2.93 -9.65
CA GLY A 197 14.49 -3.32 -9.13
C GLY A 197 14.37 -4.71 -8.54
N TYR A 198 15.35 -5.09 -7.73
CA TYR A 198 15.37 -6.40 -7.08
C TYR A 198 15.44 -6.24 -5.62
N MSE A 199 14.68 -7.10 -4.94
CA MSE A 199 14.58 -7.10 -3.47
C MSE A 199 15.97 -7.27 -2.85
O MSE A 199 16.75 -8.14 -3.30
CB MSE A 199 13.70 -8.24 -3.01
CG MSE A 199 13.36 -8.17 -1.54
SE MSE A 199 12.50 -9.78 -0.90
CE MSE A 199 10.83 -9.50 -1.70
N GLY A 200 16.30 -6.47 -1.85
CA GLY A 200 17.60 -6.59 -1.23
C GLY A 200 17.60 -6.48 0.29
N ASP A 201 18.79 -6.16 0.82
CA ASP A 201 18.99 -5.91 2.23
C ASP A 201 19.81 -4.68 2.46
N SER A 202 19.62 -3.69 1.59
CA SER A 202 20.38 -2.46 1.65
C SER A 202 19.84 -1.52 2.70
N GLY A 203 20.74 -0.81 3.35
CA GLY A 203 20.36 0.20 4.33
C GLY A 203 21.26 0.18 5.54
N TYR A 204 21.01 1.14 6.42
CA TYR A 204 21.60 1.23 7.78
C TYR A 204 23.09 1.33 7.74
N GLY A 205 23.55 2.37 7.06
CA GLY A 205 24.97 2.75 7.05
C GLY A 205 25.14 3.77 5.94
N GLU A 206 26.39 3.98 5.52
CA GLU A 206 26.71 4.88 4.39
C GLU A 206 26.13 4.31 3.11
N GLU A 207 26.01 5.19 2.09
CA GLU A 207 25.45 4.85 0.79
C GLU A 207 26.02 3.54 0.27
N GLY A 208 25.13 2.62 -0.07
CA GLY A 208 25.51 1.34 -0.63
C GLY A 208 25.68 0.21 0.34
N THR A 209 25.51 0.46 1.64
CA THR A 209 25.61 -0.60 2.63
C THR A 209 24.55 -1.71 2.44
N THR A 210 25.01 -2.95 2.56
CA THR A 210 24.19 -4.12 2.39
C THR A 210 24.51 -5.09 3.53
N GLY A 211 23.59 -6.04 3.71
CA GLY A 211 23.82 -7.21 4.56
C GLY A 211 23.51 -7.04 6.03
N GLU A 212 23.05 -5.87 6.44
CA GLU A 212 22.85 -5.62 7.88
C GLU A 212 21.56 -6.23 8.44
N PHE A 213 20.65 -6.67 7.57
CA PHE A 213 19.38 -7.24 8.00
C PHE A 213 18.87 -8.18 6.94
N PRO A 214 17.82 -8.99 7.23
CA PRO A 214 17.31 -9.93 6.25
C PRO A 214 16.79 -9.29 4.97
N VAL A 215 16.81 -10.07 3.92
CA VAL A 215 16.30 -9.62 2.62
C VAL A 215 14.78 -9.51 2.70
N HIS A 216 14.28 -8.33 2.34
CA HIS A 216 12.87 -8.05 2.32
C HIS A 216 12.62 -6.78 1.54
N LEU A 217 11.37 -6.68 1.06
CA LEU A 217 10.90 -5.42 0.48
C LEU A 217 10.14 -4.67 1.56
N HIS A 218 10.55 -3.45 1.88
CA HIS A 218 9.70 -2.60 2.70
C HIS A 218 8.82 -1.78 1.75
N LEU A 219 7.51 -1.90 1.94
CA LEU A 219 6.51 -1.14 1.15
C LEU A 219 5.84 -0.13 2.05
N GLY A 220 5.81 1.12 1.60
CA GLY A 220 5.06 2.16 2.25
C GLY A 220 4.09 2.80 1.26
N ILE A 221 3.00 3.32 1.79
CA ILE A 221 2.04 4.13 0.98
C ILE A 221 1.85 5.41 1.76
N TYR A 222 1.98 6.51 1.05
CA TYR A 222 1.88 7.84 1.67
C TYR A 222 0.87 8.72 0.94
N LEU A 223 0.06 9.42 1.73
CA LEU A 223 -0.85 10.44 1.21
C LEU A 223 -0.49 11.77 1.83
N LYS A 224 -0.60 12.81 1.03
CA LYS A 224 -0.24 14.15 1.47
C LYS A 224 -1.43 14.82 2.15
N GLU A 225 -1.20 15.38 3.34
CA GLU A 225 -2.21 16.14 4.07
C GLU A 225 -1.55 17.44 4.51
N GLY A 226 -2.04 18.56 3.98
CA GLY A 226 -1.31 19.79 4.11
C GLY A 226 0.07 19.60 3.45
N THR A 227 1.11 20.05 4.13
CA THR A 227 2.45 19.88 3.60
C THR A 227 3.07 18.51 3.94
N GLU A 228 2.39 17.68 4.72
CA GLU A 228 2.99 16.46 5.27
CA GLU A 228 2.98 16.46 5.26
C GLU A 228 2.64 15.22 4.47
N GLU A 229 3.63 14.31 4.30
CA GLU A 229 3.38 13.00 3.74
C GLU A 229 3.09 12.09 4.90
N ILE A 230 1.93 11.44 4.86
CA ILE A 230 1.40 10.62 5.97
CA ILE A 230 1.50 10.61 5.98
C ILE A 230 1.40 9.16 5.52
N SER A 231 2.08 8.31 6.26
CA SER A 231 2.02 6.88 5.97
C SER A 231 0.67 6.28 6.39
N VAL A 232 0.21 5.33 5.57
CA VAL A 232 -1.00 4.52 5.85
C VAL A 232 -0.65 3.06 5.71
N ASN A 233 -1.43 2.21 6.35
CA ASN A 233 -1.15 0.77 6.38
C ASN A 233 -1.32 0.13 5.01
N PRO A 234 -0.23 -0.43 4.42
CA PRO A 234 -0.43 -1.10 3.14
C PRO A 234 -0.96 -2.52 3.25
N TYR A 235 -1.01 -3.09 4.46
CA TYR A 235 -1.31 -4.50 4.57
C TYR A 235 -2.64 -4.90 3.89
N PRO A 236 -3.75 -4.18 4.18
CA PRO A 236 -5.00 -4.67 3.56
C PRO A 236 -5.05 -4.60 2.02
N VAL A 237 -4.50 -3.54 1.45
CA VAL A 237 -4.41 -3.46 -0.04
C VAL A 237 -3.46 -4.53 -0.61
N LEU A 238 -2.42 -4.88 0.15
CA LEU A 238 -1.55 -5.97 -0.27
C LEU A 238 -2.29 -7.27 -0.27
N ARG A 239 -3.10 -7.53 0.78
CA ARG A 239 -3.92 -8.75 0.84
C ARG A 239 -4.89 -8.81 -0.30
N TYR A 240 -5.46 -7.65 -0.65
CA TYR A 240 -6.38 -7.54 -1.79
C TYR A 240 -5.71 -7.88 -3.12
N ALA A 241 -4.44 -7.51 -3.25
CA ALA A 241 -3.67 -7.78 -4.45
C ALA A 241 -2.89 -9.09 -4.42
N GLU A 242 -3.06 -9.90 -3.36
N GLU A 242 -2.95 -9.89 -3.37
CA GLU A 242 -2.27 -11.11 -3.12
CA GLU A 242 -2.01 -11.02 -3.29
C GLU A 242 -2.29 -12.09 -4.29
C GLU A 242 -2.26 -12.16 -4.31
N ASN A 243 -3.46 -12.27 -4.88
CA ASN A 243 -3.69 -13.20 -6.00
C ASN A 243 -3.50 -12.55 -7.35
N ALA A 244 -2.98 -11.32 -7.37
CA ALA A 244 -2.66 -10.60 -8.60
C ALA A 244 -1.14 -10.46 -8.71
N ARG A 245 -0.48 -11.59 -8.84
CA ARG A 245 0.99 -11.60 -9.01
C ARG A 245 1.31 -11.75 -10.50
N ILE A 246 2.08 -10.80 -11.02
CA ILE A 246 2.53 -10.87 -12.40
C ILE A 246 3.50 -12.06 -12.55
N LYS A 247 3.46 -12.74 -13.69
CA LYS A 247 4.25 -13.93 -13.94
C LYS A 247 5.53 -13.54 -14.67
N CYS A 248 6.66 -13.99 -14.12
CA CYS A 248 8.01 -13.59 -14.58
CA CYS A 248 7.94 -13.66 -14.75
C CYS A 248 8.94 -14.79 -14.52
N VAL A 249 9.92 -14.87 -15.43
CA VAL A 249 11.02 -15.81 -15.29
C VAL A 249 12.03 -15.15 -14.37
N TYR A 250 12.32 -15.76 -13.22
CA TYR A 250 13.25 -15.15 -12.24
C TYR A 250 14.73 -15.28 -12.67
N SER A 251 15.10 -16.47 -13.13
CA SER A 251 16.51 -16.86 -13.32
C SER A 251 16.86 -17.00 -14.79
O1 2PE B . -25.01 10.89 4.35
C2 2PE B . -25.29 9.67 5.07
C3 2PE B . -24.83 9.84 6.51
O4 2PE B . -25.55 10.88 7.16
C5 2PE B . -24.90 11.22 8.39
C6 2PE B . -25.70 12.32 9.06
O7 2PE B . -25.66 13.47 8.21
C8 2PE B . -26.48 14.55 8.67
C9 2PE B . -26.32 15.71 7.74
O10 2PE B . -26.83 15.27 6.51
C11 2PE B . -26.66 16.28 5.49
C12 2PE B . -27.00 15.70 4.12
O13 2PE B . -28.42 15.47 4.06
C14 2PE B . -28.87 14.74 2.94
C15 2PE B . -28.80 15.54 1.64
O16 2PE B . -29.79 16.56 1.66
C17 2PE B . -29.75 17.45 0.51
C18 2PE B . -28.80 18.62 0.76
O19 2PE B . -29.14 19.25 1.99
C20 2PE B . -28.23 20.26 2.44
C21 2PE B . -28.74 20.91 3.72
O22 2PE B . -28.48 20.07 4.85
C23 2PE B . -28.82 20.68 6.11
C24 2PE B . -28.79 19.67 7.25
O25 2PE B . -27.71 19.90 8.19
C26 2PE B . -26.41 19.74 7.63
C27 2PE B . -25.37 19.60 8.73
O28 2PE B . -24.12 19.24 8.12
O1 2PE C . 11.90 9.63 4.41
C2 2PE C . 10.73 8.84 4.61
C3 2PE C . 10.69 7.80 3.51
O4 2PE C . 9.36 7.73 2.96
C5 2PE C . 9.10 8.61 1.89
C6 2PE C . 7.89 9.45 2.25
O7 2PE C . 7.34 10.23 1.20
C8 2PE C . 8.28 10.77 0.29
C9 2PE C . 7.64 11.80 -0.58
O10 2PE C . 8.45 12.98 -0.63
C11 2PE C . 8.69 13.50 0.68
C12 2PE C . 8.55 14.99 0.72
C12 2PE C . 8.51 15.01 0.67
O13 2PE C . 8.17 15.30 2.05
O13 2PE C . 7.80 15.42 1.83
C14 2PE C . 7.20 16.33 2.05
C14 2PE C . 6.85 16.47 1.59
C15 2PE C . 6.95 16.66 3.49
C15 2PE C . 6.69 16.78 0.11
O16 2PE C . 6.30 15.57 4.15
O16 2PE C . 5.67 16.00 -0.52
C17 2PE C . 6.92 15.41 5.41
C17 2PE C . 5.98 15.71 -1.88
C18 2PE C . 6.18 14.40 6.23
C18 2PE C . 5.02 16.47 -2.80
O1 2PE D . 22.12 -15.41 4.29
C2 2PE D . 20.95 -16.17 4.64
C3 2PE D . 20.66 -17.21 3.56
O4 2PE D . 19.89 -18.35 3.98
C5 2PE D . 18.63 -18.55 3.30
C6 2PE D . 18.82 -18.96 1.86
O7 2PE D . 18.08 -20.15 1.58
C8 2PE D . 17.98 -20.41 0.17
C9 2PE D . 19.08 -21.29 -0.42
O10 2PE D . 19.28 -22.54 0.27
C11 2PE D . 20.48 -22.55 1.04
C12 2PE D . 21.81 -22.78 0.30
O13 2PE D . 22.96 -22.15 0.90
C14 2PE D . 22.80 -21.51 2.19
C15 2PE D . 24.07 -20.93 2.77
O16 2PE D . 23.73 -19.72 3.46
S SO4 E . 3.11 10.67 13.61
O1 SO4 E . 2.50 10.00 12.48
O2 SO4 E . 4.35 11.31 13.16
O3 SO4 E . 2.17 11.67 14.14
O4 SO4 E . 3.41 9.72 14.68
S SO4 F . -17.86 10.06 -6.37
O1 SO4 F . -17.44 9.00 -5.44
O2 SO4 F . -16.67 10.80 -6.81
O3 SO4 F . -18.54 9.46 -7.49
O4 SO4 F . -18.72 10.93 -5.58
S SO4 G . -26.59 -7.56 -5.42
O1 SO4 G . -25.92 -8.67 -4.73
O2 SO4 G . -25.98 -7.25 -6.71
O3 SO4 G . -27.98 -7.94 -5.63
O4 SO4 G . -26.49 -6.37 -4.59
S SO4 H . -24.79 -1.00 15.95
S SO4 H . -23.53 -1.41 17.63
O1 SO4 H . -23.77 -2.04 16.15
O1 SO4 H . -22.71 -2.35 16.89
O2 SO4 H . -24.56 -0.27 14.69
O2 SO4 H . -24.46 -0.77 16.69
O3 SO4 H . -26.09 -1.64 15.85
O3 SO4 H . -24.28 -2.12 18.67
O4 SO4 H . -24.75 -0.08 17.08
O4 SO4 H . -22.75 -0.36 18.27
#